data_8PGG
#
_entry.id   8PGG
#
_cell.length_a   38.670
_cell.length_b   67.150
_cell.length_c   39.820
_cell.angle_alpha   90.000
_cell.angle_beta   90.290
_cell.angle_gamma   90.000
#
_symmetry.space_group_name_H-M   'P 1 21 1'
#
loop_
_entity.id
_entity.type
_entity.pdbx_description
1 polymer 'Beta-lactamase VIM-1'
2 non-polymer 'ZINC ION'
3 non-polymer '3-[3-fluoranyl-4-(methylsulfonylmethyl)phenyl]-7-[(1~{S})-1-(2-oxidanylidene-1~{H}-pyridin-3-yl)ethyl]-1~{H}-indole-2-carboxylic acid'
4 water water
#
_entity_poly.entity_id   1
_entity_poly.type   'polypeptide(L)'
_entity_poly.pdbx_seq_one_letter_code
;MLKVISSLLVYMTASVMAVASPLAHSGEPSGEYPTVNEIPVGEVRLYQIADGVWSHIATQSFDGAVYPSNGLIVRDGDEL
LLIDTAWGAKNTAALLAEIEKQIGLPVTRAVSTHFHDDRVGGVDVLRAAGVATYASPSTRRLAEAEGNEIPTHSLEGLSS
SGDAVRFGPVELFYPGAAHSTDNLVVYVPSANVLYGGCAVHELSSTSAGNVADADLAEWPTSVERIQKHYPEAEVVIPGH
GLPGGLDLLQHTANVVKAHKNRSVAE
;
_entity_poly.pdbx_strand_id   A
#
loop_
_chem_comp.id
_chem_comp.type
_chem_comp.name
_chem_comp.formula
YU3 non-polymer '3-[3-fluoranyl-4-(methylsulfonylmethyl)phenyl]-7-[(1~{S})-1-(2-oxidanylidene-1~{H}-pyridin-3-yl)ethyl]-1~{H}-indole-2-carboxylic acid' 'C24 H21 F N2 O5 S'
ZN non-polymer 'ZINC ION' 'Zn 2'
#
# COMPACT_ATOMS: atom_id res chain seq x y z
N GLY A 31 -17.92 15.69 -3.32
CA GLY A 31 -17.81 14.25 -3.27
C GLY A 31 -16.48 13.96 -3.90
N GLU A 32 -15.57 13.46 -3.08
CA GLU A 32 -14.32 13.08 -3.72
C GLU A 32 -13.72 11.85 -3.11
N TYR A 33 -12.50 11.92 -2.63
CA TYR A 33 -11.82 10.70 -2.22
C TYR A 33 -12.47 10.19 -0.95
N PRO A 34 -12.77 8.89 -0.84
CA PRO A 34 -13.52 8.40 0.32
C PRO A 34 -12.70 8.45 1.60
N THR A 35 -13.31 9.03 2.65
N THR A 35 -13.44 8.62 2.69
CA THR A 35 -12.66 9.27 3.94
CA THR A 35 -12.93 8.53 4.05
C THR A 35 -13.13 8.27 5.00
C THR A 35 -13.73 7.47 4.80
N VAL A 36 -12.38 8.19 6.10
N VAL A 36 -13.35 7.26 6.06
CA VAL A 36 -12.57 7.13 7.10
CA VAL A 36 -14.10 6.32 6.91
C VAL A 36 -14.00 7.10 7.63
C VAL A 36 -15.58 6.67 6.98
N ASN A 37 -14.60 8.26 7.89
N ASN A 37 -15.93 7.94 6.78
CA ASN A 37 -15.94 8.26 8.47
CA ASN A 37 -17.33 8.33 6.93
C ASN A 37 -17.03 7.96 7.44
C ASN A 37 -18.19 7.99 5.71
N GLU A 38 -16.68 7.92 6.16
N GLU A 38 -17.57 7.65 4.59
CA GLU A 38 -17.62 7.58 5.11
CA GLU A 38 -18.29 7.31 3.38
C GLU A 38 -17.64 6.10 4.75
C GLU A 38 -18.19 5.84 3.02
N ILE A 39 -16.75 5.30 5.31
N ILE A 39 -17.54 5.03 3.84
CA ILE A 39 -16.68 3.86 5.00
CA ILE A 39 -17.43 3.61 3.57
C ILE A 39 -16.85 3.03 6.26
C ILE A 39 -18.33 2.85 4.54
N PRO A 40 -17.98 2.35 6.42
N PRO A 40 -19.38 2.17 4.07
CA PRO A 40 -18.11 1.38 7.51
CA PRO A 40 -20.27 1.44 4.98
C PRO A 40 -17.10 0.26 7.35
C PRO A 40 -19.51 0.37 5.74
N VAL A 41 -16.62 -0.24 8.49
N VAL A 41 -20.10 -0.05 6.86
CA VAL A 41 -15.70 -1.36 8.46
CA VAL A 41 -19.51 -1.08 7.71
C VAL A 41 -16.43 -2.54 7.83
C VAL A 41 -19.23 -2.34 6.91
N GLY A 42 -15.81 -3.12 6.80
N GLY A 42 -17.97 -2.75 6.87
CA GLY A 42 -16.38 -4.20 6.02
CA GLY A 42 -17.56 -3.98 6.22
C GLY A 42 -16.76 -3.86 4.58
C GLY A 42 -17.26 -3.84 4.75
N GLU A 43 -17.15 -2.62 4.27
CA GLU A 43 -17.20 -2.32 2.83
C GLU A 43 -15.92 -1.72 2.24
N VAL A 44 -15.83 -1.76 0.92
CA VAL A 44 -14.66 -1.29 0.19
C VAL A 44 -15.11 -0.37 -0.93
N ARG A 45 -14.37 0.72 -1.12
N ARG A 45 -14.36 0.70 -1.15
CA ARG A 45 -14.60 1.64 -2.22
CA ARG A 45 -14.60 1.62 -2.24
C ARG A 45 -13.43 1.56 -3.20
C ARG A 45 -13.42 1.60 -3.19
N LEU A 46 -13.73 1.79 -4.47
CA LEU A 46 -12.72 1.95 -5.51
C LEU A 46 -12.75 3.37 -6.02
N TYR A 47 -11.58 3.91 -6.33
CA TYR A 47 -11.43 5.29 -6.79
C TYR A 47 -10.55 5.31 -8.03
N GLN A 48 -11.07 5.90 -9.10
CA GLN A 48 -10.30 5.96 -10.34
C GLN A 48 -9.16 6.98 -10.24
N ILE A 49 -7.93 6.52 -10.44
CA ILE A 49 -6.76 7.39 -10.39
C ILE A 49 -6.34 7.85 -11.79
N ALA A 50 -6.31 6.92 -12.74
CA ALA A 50 -5.84 7.17 -14.11
C ALA A 50 -6.37 6.03 -14.95
N ASP A 51 -6.17 6.10 -16.27
CA ASP A 51 -6.59 5.01 -17.13
C ASP A 51 -5.90 3.73 -16.67
N GLY A 52 -6.66 2.70 -16.34
CA GLY A 52 -6.05 1.47 -15.93
C GLY A 52 -5.53 1.43 -14.51
N VAL A 53 -5.81 2.46 -13.69
CA VAL A 53 -5.30 2.52 -12.32
C VAL A 53 -6.42 2.97 -11.38
N TRP A 54 -6.65 2.20 -10.33
CA TRP A 54 -7.60 2.53 -9.29
C TRP A 54 -6.90 2.41 -7.94
N SER A 55 -7.33 3.19 -6.95
CA SER A 55 -7.04 2.83 -5.57
C SER A 55 -8.23 2.11 -4.97
N HIS A 56 -7.97 1.31 -3.95
CA HIS A 56 -9.00 0.72 -3.12
C HIS A 56 -8.87 1.27 -1.70
N ILE A 57 -10.00 1.48 -1.05
CA ILE A 57 -10.06 2.11 0.26
C ILE A 57 -10.99 1.28 1.13
N ALA A 58 -10.53 0.95 2.34
CA ALA A 58 -11.33 0.23 3.32
C ALA A 58 -10.99 0.78 4.71
N THR A 59 -11.74 0.36 5.72
CA THR A 59 -11.48 0.81 7.07
CA THR A 59 -11.57 0.80 7.08
C THR A 59 -11.38 -0.39 8.00
N GLN A 60 -10.58 -0.23 9.01
CA GLN A 60 -10.38 -1.32 9.96
C GLN A 60 -10.15 -0.74 11.34
N SER A 61 -10.47 -1.56 12.34
N SER A 61 -10.55 -1.51 12.34
CA SER A 61 -10.27 -1.24 13.75
CA SER A 61 -10.19 -1.16 13.70
C SER A 61 -8.98 -1.92 14.24
C SER A 61 -8.89 -1.85 14.11
N PHE A 62 -8.14 -1.14 14.94
CA PHE A 62 -6.86 -1.62 15.43
C PHE A 62 -6.60 -0.94 16.76
N ASP A 63 -6.36 -1.71 17.80
CA ASP A 63 -6.13 -1.14 19.13
C ASP A 63 -7.20 -0.13 19.52
N GLY A 64 -8.43 -0.41 19.12
CA GLY A 64 -9.52 0.43 19.61
C GLY A 64 -9.70 1.76 18.91
N ALA A 65 -9.17 1.92 17.70
CA ALA A 65 -9.43 3.09 16.86
C ALA A 65 -9.63 2.60 15.43
N VAL A 66 -10.35 3.40 14.64
CA VAL A 66 -10.67 3.06 13.26
C VAL A 66 -9.80 3.89 12.33
N TYR A 67 -9.24 3.24 11.33
CA TYR A 67 -8.36 3.87 10.37
C TYR A 67 -8.76 3.48 8.96
N PRO A 68 -8.59 4.39 8.00
CA PRO A 68 -8.66 4.01 6.59
C PRO A 68 -7.31 3.46 6.15
N SER A 69 -7.31 2.75 5.02
CA SER A 69 -6.08 2.43 4.34
C SER A 69 -6.34 2.22 2.85
N ASN A 70 -5.30 2.46 2.07
CA ASN A 70 -5.35 2.35 0.62
C ASN A 70 -4.60 1.12 0.12
N GLY A 71 -4.99 0.69 -1.07
CA GLY A 71 -4.20 -0.17 -1.94
C GLY A 71 -4.39 0.27 -3.38
N LEU A 72 -3.84 -0.50 -4.32
CA LEU A 72 -3.87 -0.13 -5.73
C LEU A 72 -4.34 -1.31 -6.57
N ILE A 73 -4.94 -1.01 -7.71
CA ILE A 73 -5.33 -1.98 -8.72
C ILE A 73 -4.84 -1.45 -10.05
N VAL A 74 -4.13 -2.28 -10.81
CA VAL A 74 -3.55 -1.83 -12.07
C VAL A 74 -3.92 -2.82 -13.17
N ARG A 75 -4.47 -2.30 -14.27
N ARG A 75 -4.47 -2.31 -14.27
CA ARG A 75 -4.75 -3.15 -15.41
CA ARG A 75 -4.80 -3.20 -15.38
C ARG A 75 -3.47 -3.77 -15.98
C ARG A 75 -3.52 -3.76 -16.03
N ASP A 76 -3.53 -5.07 -16.27
CA ASP A 76 -2.36 -5.90 -16.67
C ASP A 76 -2.84 -6.73 -17.85
N GLY A 77 -2.84 -6.15 -19.03
CA GLY A 77 -3.46 -6.81 -20.18
C GLY A 77 -4.96 -6.88 -20.03
N ASP A 78 -5.55 -8.09 -20.02
CA ASP A 78 -6.97 -8.28 -19.70
C ASP A 78 -7.13 -8.86 -18.30
N GLU A 79 -6.12 -8.72 -17.46
CA GLU A 79 -6.16 -9.15 -16.07
C GLU A 79 -5.85 -7.95 -15.19
N LEU A 80 -5.87 -8.16 -13.88
CA LEU A 80 -5.55 -7.11 -12.90
C LEU A 80 -4.42 -7.53 -11.98
N LEU A 81 -3.56 -6.57 -11.65
CA LEU A 81 -2.59 -6.70 -10.58
C LEU A 81 -3.09 -5.93 -9.36
N LEU A 82 -3.09 -6.59 -8.21
CA LEU A 82 -3.51 -5.96 -6.96
C LEU A 82 -2.26 -5.59 -6.16
N ILE A 83 -2.25 -4.39 -5.58
CA ILE A 83 -1.24 -3.99 -4.64
C ILE A 83 -1.91 -3.81 -3.28
N ASP A 84 -1.51 -4.66 -2.32
CA ASP A 84 -1.93 -4.68 -0.92
C ASP A 84 -3.36 -5.19 -0.73
N THR A 85 -3.56 -5.85 0.39
CA THR A 85 -4.90 -6.26 0.81
C THR A 85 -5.70 -5.03 1.26
N ALA A 86 -6.95 -5.27 1.61
CA ALA A 86 -7.84 -4.26 2.15
C ALA A 86 -7.87 -4.26 3.68
N TRP A 87 -6.85 -4.85 4.32
CA TRP A 87 -6.68 -4.83 5.78
C TRP A 87 -7.73 -5.70 6.48
N GLY A 88 -7.57 -7.00 6.36
CA GLY A 88 -8.44 -7.96 7.00
C GLY A 88 -9.07 -8.93 6.04
N ALA A 89 -9.46 -10.09 6.56
CA ALA A 89 -10.03 -11.15 5.71
C ALA A 89 -11.36 -10.72 5.09
N LYS A 90 -12.29 -10.25 5.93
N LYS A 90 -12.30 -10.23 5.91
CA LYS A 90 -13.60 -9.83 5.43
CA LYS A 90 -13.61 -9.86 5.37
C LYS A 90 -13.45 -8.67 4.47
C LYS A 90 -13.53 -8.61 4.51
N ASN A 91 -12.66 -7.67 4.85
CA ASN A 91 -12.44 -6.55 3.96
C ASN A 91 -11.90 -7.00 2.60
N THR A 92 -10.96 -7.95 2.61
CA THR A 92 -10.35 -8.37 1.36
C THR A 92 -11.32 -9.21 0.51
N ALA A 93 -12.18 -10.02 1.13
CA ALA A 93 -13.23 -10.69 0.39
C ALA A 93 -14.15 -9.65 -0.24
N ALA A 94 -14.47 -8.58 0.50
CA ALA A 94 -15.33 -7.53 -0.04
C ALA A 94 -14.63 -6.80 -1.18
N LEU A 95 -13.32 -6.63 -1.06
CA LEU A 95 -12.54 -6.02 -2.13
C LEU A 95 -12.64 -6.85 -3.41
N LEU A 96 -12.46 -8.16 -3.32
CA LEU A 96 -12.56 -8.99 -4.52
C LEU A 96 -13.95 -8.88 -5.14
N ALA A 97 -14.99 -8.84 -4.31
CA ALA A 97 -16.35 -8.73 -4.81
C ALA A 97 -16.57 -7.39 -5.48
N GLU A 98 -16.00 -6.33 -4.91
CA GLU A 98 -16.16 -4.99 -5.48
C GLU A 98 -15.43 -4.88 -6.81
N ILE A 99 -14.23 -5.45 -6.91
CA ILE A 99 -13.49 -5.44 -8.16
C ILE A 99 -14.28 -6.20 -9.22
N GLU A 100 -14.84 -7.34 -8.86
CA GLU A 100 -15.57 -8.10 -9.86
C GLU A 100 -16.77 -7.33 -10.36
N LYS A 101 -17.52 -6.69 -9.45
CA LYS A 101 -18.72 -5.95 -9.83
C LYS A 101 -18.30 -4.84 -10.77
N GLN A 102 -17.37 -4.01 -10.30
CA GLN A 102 -17.08 -2.75 -10.97
C GLN A 102 -16.18 -2.90 -12.18
N ILE A 103 -15.19 -3.79 -12.12
CA ILE A 103 -14.19 -3.91 -13.17
C ILE A 103 -14.34 -5.19 -13.97
N GLY A 104 -14.54 -6.32 -13.30
CA GLY A 104 -14.93 -7.52 -14.00
C GLY A 104 -13.81 -8.27 -14.70
N LEU A 105 -12.58 -7.97 -14.39
CA LEU A 105 -11.42 -8.67 -14.89
C LEU A 105 -10.75 -9.43 -13.76
N PRO A 106 -10.10 -10.56 -14.06
CA PRO A 106 -9.58 -11.40 -12.97
C PRO A 106 -8.34 -10.79 -12.30
N VAL A 107 -8.34 -10.84 -10.97
CA VAL A 107 -7.17 -10.50 -10.18
C VAL A 107 -6.29 -11.75 -10.16
N THR A 108 -5.19 -11.73 -10.90
CA THR A 108 -4.32 -12.89 -11.04
C THR A 108 -3.15 -12.88 -10.07
N ARG A 109 -2.70 -11.70 -9.67
CA ARG A 109 -1.50 -11.59 -8.84
C ARG A 109 -1.68 -10.42 -7.89
N ALA A 110 -1.05 -10.51 -6.73
CA ALA A 110 -1.04 -9.44 -5.75
C ALA A 110 0.37 -9.30 -5.19
N VAL A 111 0.76 -8.06 -4.91
CA VAL A 111 2.00 -7.73 -4.23
C VAL A 111 1.65 -7.02 -2.93
N SER A 112 2.26 -7.44 -1.83
CA SER A 112 2.17 -6.72 -0.58
C SER A 112 3.44 -5.92 -0.36
N THR A 113 3.27 -4.65 0.01
CA THR A 113 4.39 -3.70 0.03
C THR A 113 5.10 -3.63 1.38
N HIS A 114 4.56 -4.21 2.46
CA HIS A 114 5.34 -4.53 3.64
C HIS A 114 4.53 -5.52 4.47
N PHE A 115 5.03 -5.88 5.66
CA PHE A 115 4.54 -7.04 6.38
C PHE A 115 3.38 -6.79 7.32
N HIS A 116 2.94 -5.54 7.52
CA HIS A 116 1.86 -5.25 8.46
C HIS A 116 0.50 -5.70 7.90
N ASP A 117 -0.46 -5.81 8.82
CA ASP A 117 -1.77 -6.36 8.50
CA ASP A 117 -1.77 -6.35 8.47
C ASP A 117 -2.53 -5.53 7.46
N ASP A 118 -2.27 -4.21 7.36
CA ASP A 118 -2.92 -3.42 6.32
C ASP A 118 -2.37 -3.70 4.93
N ARG A 119 -1.38 -4.57 4.82
CA ARG A 119 -0.75 -4.94 3.56
C ARG A 119 -0.89 -6.42 3.26
N VAL A 120 -0.80 -7.28 4.29
CA VAL A 120 -0.89 -8.73 4.12
C VAL A 120 -2.13 -9.33 4.74
N GLY A 121 -2.89 -8.59 5.57
CA GLY A 121 -4.04 -9.20 6.23
C GLY A 121 -5.13 -9.37 5.20
N GLY A 122 -5.46 -10.60 4.84
CA GLY A 122 -6.27 -10.90 3.70
C GLY A 122 -5.56 -11.72 2.63
N VAL A 123 -4.25 -11.94 2.76
CA VAL A 123 -3.53 -12.79 1.83
C VAL A 123 -4.09 -14.21 1.81
N ASP A 124 -4.51 -14.73 2.96
CA ASP A 124 -5.11 -16.07 2.94
C ASP A 124 -6.37 -16.10 2.10
N VAL A 125 -7.22 -15.08 2.20
CA VAL A 125 -8.40 -14.95 1.33
C VAL A 125 -7.99 -14.89 -0.14
N LEU A 126 -7.00 -14.05 -0.46
CA LEU A 126 -6.55 -13.94 -1.83
C LEU A 126 -6.07 -15.29 -2.35
N ARG A 127 -5.22 -15.96 -1.57
N ARG A 127 -5.24 -15.96 -1.57
CA ARG A 127 -4.64 -17.22 -2.04
CA ARG A 127 -4.64 -17.22 -2.04
C ARG A 127 -5.74 -18.26 -2.23
C ARG A 127 -5.72 -18.28 -2.23
N ALA A 128 -6.71 -18.33 -1.33
CA ALA A 128 -7.80 -19.29 -1.48
C ALA A 128 -8.63 -18.99 -2.72
N ALA A 129 -8.69 -17.71 -3.13
CA ALA A 129 -9.40 -17.28 -4.31
C ALA A 129 -8.58 -17.48 -5.58
N GLY A 130 -7.40 -18.08 -5.46
CA GLY A 130 -6.59 -18.35 -6.63
C GLY A 130 -5.65 -17.23 -7.04
N VAL A 131 -5.56 -16.16 -6.26
CA VAL A 131 -4.64 -15.06 -6.57
C VAL A 131 -3.25 -15.49 -6.15
N ALA A 132 -2.27 -15.36 -7.05
CA ALA A 132 -0.88 -15.62 -6.69
C ALA A 132 -0.34 -14.42 -5.90
N THR A 133 0.16 -14.65 -4.70
CA THR A 133 0.57 -13.58 -3.80
C THR A 133 2.09 -13.52 -3.67
N TYR A 134 2.61 -12.30 -3.69
CA TYR A 134 4.03 -12.01 -3.77
C TYR A 134 4.41 -10.95 -2.75
N ALA A 135 5.65 -11.05 -2.26
CA ALA A 135 6.25 -10.00 -1.46
C ALA A 135 7.74 -10.24 -1.46
N SER A 136 8.53 -9.25 -1.04
CA SER A 136 9.96 -9.49 -0.94
C SER A 136 10.27 -10.55 0.11
N PRO A 137 11.43 -11.22 0.00
CA PRO A 137 11.81 -12.14 1.08
C PRO A 137 11.81 -11.46 2.42
N SER A 138 12.20 -10.20 2.46
N SER A 138 12.21 -10.20 2.47
CA SER A 138 12.20 -9.45 3.73
CA SER A 138 12.19 -9.50 3.76
C SER A 138 10.81 -9.35 4.32
C SER A 138 10.77 -9.42 4.32
N THR A 139 9.83 -8.98 3.50
CA THR A 139 8.43 -8.94 3.96
C THR A 139 7.97 -10.31 4.42
N ARG A 140 8.30 -11.37 3.67
CA ARG A 140 7.88 -12.72 4.07
C ARG A 140 8.48 -13.13 5.41
N ARG A 141 9.76 -12.84 5.63
N ARG A 141 9.75 -12.85 5.62
CA ARG A 141 10.37 -13.23 6.90
CA ARG A 141 10.36 -13.20 6.90
C ARG A 141 9.80 -12.43 8.06
C ARG A 141 9.74 -12.42 8.05
N LEU A 142 9.51 -11.14 7.84
CA LEU A 142 8.94 -10.33 8.92
C LEU A 142 7.51 -10.73 9.20
N ALA A 143 6.72 -11.02 8.16
CA ALA A 143 5.36 -11.51 8.39
C ALA A 143 5.39 -12.83 9.15
N GLU A 144 6.25 -13.76 8.75
CA GLU A 144 6.31 -15.03 9.45
C GLU A 144 6.67 -14.82 10.92
N ALA A 145 7.65 -13.98 11.19
CA ALA A 145 8.11 -13.80 12.57
C ALA A 145 7.04 -13.14 13.42
N GLU A 146 6.24 -12.28 12.82
CA GLU A 146 5.22 -11.50 13.53
CA GLU A 146 5.23 -11.51 13.54
C GLU A 146 3.90 -12.25 13.66
N GLY A 147 3.74 -13.33 12.93
CA GLY A 147 2.49 -14.05 12.91
C GLY A 147 1.44 -13.45 12.00
N ASN A 148 1.85 -12.65 11.03
CA ASN A 148 0.93 -12.14 10.02
C ASN A 148 0.86 -13.08 8.84
N GLU A 149 -0.17 -12.89 8.02
CA GLU A 149 -0.34 -13.79 6.86
C GLU A 149 0.83 -13.60 5.90
N ILE A 150 1.21 -14.68 5.23
CA ILE A 150 2.50 -14.75 4.54
C ILE A 150 2.24 -14.86 3.04
N PRO A 151 2.60 -13.84 2.25
CA PRO A 151 2.53 -13.99 0.79
C PRO A 151 3.36 -15.20 0.33
N THR A 152 2.91 -15.82 -0.77
CA THR A 152 3.49 -17.11 -1.20
C THR A 152 4.88 -17.00 -1.81
N HIS A 153 5.06 -16.05 -2.73
CA HIS A 153 6.21 -16.01 -3.63
C HIS A 153 7.13 -14.85 -3.26
N SER A 154 8.44 -15.12 -3.25
CA SER A 154 9.44 -14.10 -2.96
C SER A 154 9.78 -13.29 -4.19
N LEU A 155 9.89 -11.98 -3.99
CA LEU A 155 10.33 -11.04 -5.01
C LEU A 155 11.81 -10.74 -4.78
N GLU A 156 12.68 -11.38 -5.56
CA GLU A 156 14.12 -11.15 -5.47
C GLU A 156 14.48 -9.85 -6.18
N GLY A 157 15.74 -9.44 -6.05
CA GLY A 157 16.25 -8.28 -6.73
C GLY A 157 15.84 -6.97 -6.11
N LEU A 158 15.40 -6.97 -4.84
CA LEU A 158 14.92 -5.79 -4.14
C LEU A 158 15.58 -5.59 -2.77
N SER A 159 16.68 -6.28 -2.50
CA SER A 159 17.24 -6.28 -1.15
C SER A 159 18.13 -5.10 -0.84
N SER A 160 18.60 -4.34 -1.84
N SER A 160 18.52 -4.34 -1.86
CA SER A 160 19.48 -3.21 -1.59
CA SER A 160 19.48 -3.26 -1.74
C SER A 160 18.73 -1.93 -1.93
C SER A 160 18.76 -1.95 -2.03
N SER A 161 18.90 -0.90 -1.09
N SER A 161 18.91 -0.95 -1.16
CA SER A 161 18.19 0.35 -1.36
CA SER A 161 18.28 0.34 -1.37
C SER A 161 18.55 0.88 -2.75
C SER A 161 18.59 0.86 -2.77
N GLY A 162 17.56 1.39 -3.45
CA GLY A 162 17.71 1.82 -4.81
C GLY A 162 17.37 0.76 -5.84
N ASP A 163 17.13 -0.49 -5.41
CA ASP A 163 16.82 -1.57 -6.33
C ASP A 163 15.44 -1.38 -6.94
N ALA A 164 15.29 -1.81 -8.19
CA ALA A 164 14.01 -1.79 -8.87
C ALA A 164 13.88 -3.05 -9.72
N VAL A 165 12.63 -3.55 -9.84
CA VAL A 165 12.30 -4.64 -10.74
C VAL A 165 10.96 -4.33 -11.39
N ARG A 166 10.70 -4.98 -12.53
CA ARG A 166 9.38 -4.92 -13.14
C ARG A 166 8.49 -6.06 -12.67
N PHE A 167 7.20 -5.75 -12.53
CA PHE A 167 6.21 -6.74 -12.15
C PHE A 167 4.92 -6.38 -12.88
N GLY A 168 4.65 -7.08 -13.98
CA GLY A 168 3.51 -6.70 -14.79
C GLY A 168 3.58 -5.24 -15.20
N PRO A 169 2.48 -4.50 -15.04
CA PRO A 169 2.45 -3.09 -15.48
C PRO A 169 3.06 -2.10 -14.50
N VAL A 170 3.77 -2.55 -13.47
CA VAL A 170 4.39 -1.65 -12.50
C VAL A 170 5.87 -1.90 -12.39
N GLU A 171 6.55 -0.93 -11.82
CA GLU A 171 7.90 -1.10 -11.30
C GLU A 171 7.81 -1.09 -9.79
N LEU A 172 8.50 -2.03 -9.16
CA LEU A 172 8.67 -2.10 -7.72
C LEU A 172 10.04 -1.52 -7.37
N PHE A 173 10.08 -0.69 -6.33
CA PHE A 173 11.29 0.01 -5.93
C PHE A 173 11.47 -0.13 -4.43
N TYR A 174 12.67 -0.50 -4.01
CA TYR A 174 12.98 -0.53 -2.59
C TYR A 174 13.78 0.70 -2.23
N PRO A 175 13.18 1.69 -1.54
CA PRO A 175 13.87 2.96 -1.32
C PRO A 175 14.82 2.94 -0.16
N GLY A 176 14.83 1.86 0.61
CA GLY A 176 15.48 1.83 1.91
C GLY A 176 14.45 1.77 3.02
N ALA A 177 14.96 1.53 4.22
CA ALA A 177 14.11 1.44 5.40
C ALA A 177 13.44 2.77 5.68
N ALA A 178 12.17 2.73 6.09
CA ALA A 178 11.42 3.96 6.32
C ALA A 178 10.35 3.66 7.37
N HIS A 179 9.08 3.62 6.95
CA HIS A 179 8.01 3.17 7.81
C HIS A 179 8.26 1.78 8.37
N SER A 180 8.89 0.92 7.55
CA SER A 180 9.33 -0.40 7.97
C SER A 180 10.63 -0.68 7.22
N THR A 181 11.36 -1.72 7.65
N THR A 181 11.35 -1.72 7.66
CA THR A 181 12.64 -2.01 6.97
CA THR A 181 12.62 -2.05 7.02
C THR A 181 12.42 -2.59 5.58
C THR A 181 12.43 -2.61 5.62
N ASP A 182 11.25 -3.18 5.33
CA ASP A 182 10.97 -3.88 4.08
C ASP A 182 10.10 -3.08 3.12
N ASN A 183 9.72 -1.86 3.44
CA ASN A 183 8.69 -1.23 2.66
C ASN A 183 9.12 -1.04 1.17
N LEU A 184 8.20 -1.35 0.26
CA LEU A 184 8.38 -1.13 -1.17
C LEU A 184 7.45 -0.02 -1.66
N VAL A 185 7.89 0.62 -2.74
N VAL A 185 7.89 0.71 -2.67
CA VAL A 185 7.15 1.64 -3.47
CA VAL A 185 6.98 1.61 -3.39
C VAL A 185 6.78 1.06 -4.83
C VAL A 185 6.74 1.06 -4.79
N VAL A 186 5.66 1.52 -5.41
CA VAL A 186 5.17 1.00 -6.69
C VAL A 186 4.93 2.17 -7.62
N TYR A 187 5.46 2.09 -8.83
CA TYR A 187 5.26 3.12 -9.84
C TYR A 187 4.53 2.51 -11.02
N VAL A 188 3.54 3.23 -11.54
CA VAL A 188 2.84 2.79 -12.74
C VAL A 188 3.33 3.68 -13.87
N PRO A 189 4.28 3.24 -14.67
CA PRO A 189 4.90 4.17 -15.63
C PRO A 189 3.94 4.71 -16.66
N SER A 190 2.97 3.93 -17.11
CA SER A 190 2.07 4.40 -18.15
C SER A 190 1.26 5.60 -17.67
N ALA A 191 1.08 5.76 -16.36
CA ALA A 191 0.23 6.80 -15.82
C ALA A 191 0.98 7.78 -14.93
N ASN A 192 2.26 7.57 -14.73
CA ASN A 192 3.04 8.38 -13.80
C ASN A 192 2.42 8.46 -12.42
N VAL A 193 1.96 7.29 -11.94
CA VAL A 193 1.37 7.17 -10.63
C VAL A 193 2.38 6.54 -9.69
N LEU A 194 2.67 7.23 -8.59
CA LEU A 194 3.57 6.74 -7.56
C LEU A 194 2.73 6.34 -6.36
N TYR A 195 2.72 5.05 -6.06
CA TYR A 195 2.09 4.50 -4.87
C TYR A 195 3.17 4.35 -3.81
N GLY A 196 3.17 5.26 -2.84
CA GLY A 196 4.22 5.26 -1.85
C GLY A 196 4.03 4.28 -0.74
N GLY A 197 2.82 3.73 -0.61
CA GLY A 197 2.53 2.92 0.55
C GLY A 197 2.80 3.68 1.83
N CYS A 198 3.07 2.93 2.91
CA CYS A 198 3.11 3.54 4.21
C CYS A 198 4.38 4.31 4.49
N ALA A 199 5.36 4.24 3.57
CA ALA A 199 6.50 5.15 3.60
C ALA A 199 6.14 6.59 3.28
N VAL A 200 4.93 6.86 2.80
CA VAL A 200 4.50 8.20 2.41
C VAL A 200 3.19 8.51 3.11
N HIS A 201 3.14 9.70 3.72
CA HIS A 201 1.97 10.19 4.41
C HIS A 201 1.21 11.23 3.62
N GLU A 202 -0.08 11.34 3.93
CA GLU A 202 -0.95 12.29 3.28
C GLU A 202 -0.66 13.71 3.80
N LEU A 203 -1.07 14.70 3.00
CA LEU A 203 -0.76 16.10 3.34
C LEU A 203 -1.40 16.58 4.63
N SER A 204 -2.59 16.08 4.97
CA SER A 204 -3.26 16.60 6.17
C SER A 204 -2.62 16.08 7.45
N SER A 205 -1.72 15.12 7.37
CA SER A 205 -1.05 14.62 8.56
C SER A 205 -0.11 15.68 9.11
N THR A 206 -0.01 15.72 10.42
CA THR A 206 1.14 16.36 11.04
C THR A 206 1.97 15.35 11.81
N SER A 207 1.37 14.23 12.21
N SER A 207 1.38 14.23 12.24
CA SER A 207 2.00 13.12 12.90
CA SER A 207 2.07 13.14 12.91
C SER A 207 2.50 12.08 11.88
C SER A 207 2.42 12.04 11.92
N ALA A 208 3.29 11.13 12.37
CA ALA A 208 3.94 10.15 11.51
C ALA A 208 3.34 8.73 11.55
N GLY A 209 2.11 8.58 12.01
CA GLY A 209 1.45 7.29 11.93
C GLY A 209 2.01 6.28 12.92
N ASN A 210 1.89 5.00 12.55
CA ASN A 210 2.33 3.94 13.44
C ASN A 210 3.79 3.63 13.12
N VAL A 211 4.68 4.12 13.95
CA VAL A 211 6.10 4.06 13.70
C VAL A 211 6.79 2.96 14.49
N ALA A 212 6.02 2.01 15.06
CA ALA A 212 6.62 0.99 15.92
C ALA A 212 7.76 0.26 15.24
N ASP A 213 7.65 -0.01 13.94
CA ASP A 213 8.64 -0.78 13.20
C ASP A 213 9.46 0.10 12.27
N ALA A 214 9.42 1.41 12.43
CA ALA A 214 10.09 2.33 11.53
C ALA A 214 11.59 2.43 11.83
N ASP A 215 12.33 2.86 10.82
CA ASP A 215 13.71 3.25 10.98
C ASP A 215 13.75 4.77 10.79
N LEU A 216 13.64 5.49 11.90
CA LEU A 216 13.61 6.94 11.82
C LEU A 216 14.92 7.54 11.37
N ALA A 217 16.04 6.85 11.55
CA ALA A 217 17.29 7.40 11.07
C ALA A 217 17.38 7.33 9.55
N GLU A 218 16.80 6.31 8.93
CA GLU A 218 16.90 6.09 7.48
C GLU A 218 15.73 6.66 6.69
N TRP A 219 14.59 6.91 7.34
CA TRP A 219 13.40 7.30 6.58
C TRP A 219 13.65 8.52 5.71
N PRO A 220 14.25 9.61 6.19
CA PRO A 220 14.48 10.74 5.29
C PRO A 220 15.35 10.40 4.09
N THR A 221 16.40 9.60 4.27
CA THR A 221 17.22 9.20 3.14
C THR A 221 16.43 8.39 2.14
N SER A 222 15.58 7.49 2.64
CA SER A 222 14.75 6.69 1.75
C SER A 222 13.76 7.56 0.96
N VAL A 223 13.15 8.55 1.60
CA VAL A 223 12.28 9.46 0.84
C VAL A 223 13.08 10.18 -0.24
N GLU A 224 14.30 10.62 0.08
N GLU A 224 14.30 10.61 0.07
CA GLU A 224 15.12 11.28 -0.93
CA GLU A 224 15.11 11.29 -0.94
C GLU A 224 15.37 10.38 -2.12
C GLU A 224 15.35 10.37 -2.13
N ARG A 225 15.55 9.07 -1.89
CA ARG A 225 15.71 8.14 -3.01
C ARG A 225 14.45 8.10 -3.87
N ILE A 226 13.27 8.08 -3.24
CA ILE A 226 12.03 8.12 -4.01
C ILE A 226 11.95 9.37 -4.86
N GLN A 227 12.23 10.52 -4.24
CA GLN A 227 12.19 11.78 -4.97
C GLN A 227 13.11 11.76 -6.18
N LYS A 228 14.34 11.26 -5.99
CA LYS A 228 15.31 11.20 -7.07
C LYS A 228 14.89 10.24 -8.17
N HIS A 229 14.23 9.13 -7.81
CA HIS A 229 13.92 8.09 -8.79
C HIS A 229 12.66 8.38 -9.59
N TYR A 230 11.71 9.12 -9.02
CA TYR A 230 10.39 9.36 -9.63
C TYR A 230 10.04 10.85 -9.70
N PRO A 231 10.89 11.67 -10.33
CA PRO A 231 10.66 13.11 -10.32
C PRO A 231 9.50 13.55 -11.19
N GLU A 232 8.99 12.66 -12.04
CA GLU A 232 7.89 12.96 -12.96
C GLU A 232 6.56 12.40 -12.46
N ALA A 233 6.49 11.94 -11.22
CA ALA A 233 5.21 11.43 -10.73
C ALA A 233 4.18 12.54 -10.74
N GLU A 234 3.00 12.19 -11.21
CA GLU A 234 1.90 13.13 -11.28
C GLU A 234 0.88 12.95 -10.18
N VAL A 235 0.79 11.76 -9.63
CA VAL A 235 -0.08 11.44 -8.50
C VAL A 235 0.80 10.65 -7.54
N VAL A 236 0.70 10.98 -6.25
CA VAL A 236 1.36 10.23 -5.19
C VAL A 236 0.28 9.76 -4.23
N ILE A 237 0.22 8.44 -4.00
CA ILE A 237 -0.79 7.81 -3.15
C ILE A 237 -0.13 7.33 -1.87
N PRO A 238 -0.59 7.79 -0.70
CA PRO A 238 -0.04 7.33 0.57
C PRO A 238 -0.68 5.99 0.96
N GLY A 239 -0.07 5.33 1.95
CA GLY A 239 -0.65 4.10 2.47
C GLY A 239 -1.97 4.31 3.16
N HIS A 240 -2.16 5.50 3.74
CA HIS A 240 -3.38 5.88 4.45
C HIS A 240 -3.68 7.32 4.07
N GLY A 241 -4.92 7.57 3.64
CA GLY A 241 -5.35 8.94 3.38
C GLY A 241 -5.39 9.36 1.92
N LEU A 242 -5.42 10.67 1.71
N LEU A 242 -5.39 10.67 1.71
CA LEU A 242 -5.76 11.19 0.39
CA LEU A 242 -5.74 11.18 0.39
C LEU A 242 -4.54 11.26 -0.53
C LEU A 242 -4.53 11.24 -0.54
N PRO A 243 -4.71 10.85 -1.80
CA PRO A 243 -3.68 11.12 -2.80
C PRO A 243 -3.45 12.60 -3.02
N GLY A 244 -2.28 12.93 -3.54
CA GLY A 244 -1.96 14.29 -3.96
C GLY A 244 -0.86 14.25 -4.97
N GLY A 245 -0.05 15.30 -4.99
CA GLY A 245 1.07 15.38 -5.88
C GLY A 245 2.38 15.14 -5.17
N LEU A 246 3.45 15.60 -5.81
CA LEU A 246 4.79 15.33 -5.31
C LEU A 246 5.02 15.90 -3.93
N ASP A 247 4.21 16.88 -3.52
CA ASP A 247 4.39 17.50 -2.21
C ASP A 247 4.31 16.48 -1.08
N LEU A 248 3.60 15.35 -1.28
CA LEU A 248 3.52 14.37 -0.20
C LEU A 248 4.90 13.85 0.20
N LEU A 249 5.86 13.81 -0.75
CA LEU A 249 7.18 13.29 -0.41
C LEU A 249 7.92 14.18 0.59
N GLN A 250 8.14 15.44 0.25
CA GLN A 250 8.77 16.34 1.22
C GLN A 250 7.96 16.44 2.50
N HIS A 251 6.63 16.50 2.39
CA HIS A 251 5.80 16.52 3.58
C HIS A 251 6.12 15.35 4.49
N THR A 252 6.27 14.15 3.91
CA THR A 252 6.58 12.98 4.73
C THR A 252 7.90 13.15 5.45
N ALA A 253 8.94 13.61 4.74
CA ALA A 253 10.20 13.87 5.41
C ALA A 253 10.01 14.85 6.58
N ASN A 254 9.18 15.85 6.39
CA ASN A 254 8.96 16.82 7.46
C ASN A 254 8.24 16.21 8.66
N VAL A 255 7.23 15.39 8.43
CA VAL A 255 6.54 14.83 9.59
C VAL A 255 7.45 13.86 10.34
N VAL A 256 8.29 13.12 9.61
CA VAL A 256 9.26 12.25 10.25
C VAL A 256 10.21 13.07 11.13
N LYS A 257 10.69 14.22 10.62
CA LYS A 257 11.50 15.10 11.45
C LYS A 257 10.73 15.58 12.68
N ALA A 258 9.47 15.97 12.50
CA ALA A 258 8.71 16.48 13.63
C ALA A 258 8.55 15.41 14.68
N HIS A 259 8.37 14.17 14.23
CA HIS A 259 8.22 13.08 15.17
C HIS A 259 9.51 12.88 15.94
N LYS A 260 10.62 12.81 15.20
CA LYS A 260 11.88 12.41 15.82
C LYS A 260 12.13 13.29 17.02
N ASN A 261 11.87 14.58 16.83
CA ASN A 261 12.08 15.58 17.83
C ASN A 261 10.74 15.88 18.47
ZN ZN B . 2.84 -0.55 8.26
ZN ZN C . 0.25 1.50 7.08
C13 YU3 D . -0.19 2.94 10.08
C13 YU3 D . -0.16 2.95 10.05
C14 YU3 D . 0.80 3.60 9.18
C14 YU3 D . 0.79 3.68 9.11
C17 YU3 D . -1.14 3.52 10.92
C17 YU3 D . -1.17 3.50 10.84
C10 YU3 D . -1.41 0.02 11.64
C10 YU3 D . -1.40 0.00 11.58
C11 YU3 D . -1.09 1.29 11.14
C11 YU3 D . -1.07 1.27 11.09
C01 YU3 D . -1.59 -2.36 10.81
C01 YU3 D . -1.51 -2.40 10.80
C02 YU3 D . -0.66 -1.20 11.04
C02 YU3 D . -0.60 -1.21 11.06
C03 YU3 D . 0.43 -1.62 11.91
C03 YU3 D . 0.57 -1.46 12.01
C04 YU3 D . 0.34 -2.86 12.65
C04 YU3 D . 1.72 -0.52 11.93
C05 YU3 D . 1.36 -3.32 13.59
C05 YU3 D . 2.89 -0.69 12.82
C06 YU3 D . 2.59 -2.47 13.72
C06 YU3 D . 2.96 -1.83 13.82
C08 YU3 D . 1.61 -0.77 12.01
C08 YU3 D . 0.63 -2.61 13.00
C18 YU3 D . -1.53 4.97 10.99
C18 YU3 D . -1.58 4.96 10.95
C19 YU3 D . -1.83 5.57 12.19
C19 YU3 D . -1.73 5.69 9.77
C20 YU3 D . -2.22 6.92 12.18
C20 YU3 D . -2.11 7.02 9.82
C21 YU3 D . -2.32 7.65 11.00
C21 YU3 D . -2.35 7.63 11.03
C22 YU3 D . -2.73 9.12 10.99
C22 YU3 D . -2.78 9.09 11.08
C24 YU3 D . -0.28 10.00 9.72
C24 YU3 D . -0.26 9.83 9.66
C27 YU3 D . -2.05 7.00 9.82
C27 YU3 D . -2.22 6.91 12.21
C29 YU3 D . -1.65 5.67 9.79
C29 YU3 D . -1.82 5.56 12.17
C30 YU3 D . -1.71 2.43 11.59
C30 YU3 D . -1.74 2.39 11.50
C31 YU3 D . -2.71 2.32 12.56
C31 YU3 D . -2.78 2.26 12.44
C32 YU3 D . -3.03 1.09 13.07
C32 YU3 D . -3.12 1.02 12.93
C33 YU3 D . -2.40 -0.08 12.63
C33 YU3 D . -2.43 -0.12 12.51
F28 YU3 D . -2.14 7.71 8.66
F28 YU3 D . -2.45 7.51 13.40
N07 YU3 D . 2.66 -1.22 12.92
N07 YU3 D . 1.82 -2.78 13.89
N12 YU3 D . -0.18 1.63 10.22
N12 YU3 D . -0.13 1.65 10.21
O09 YU3 D . 1.65 0.20 11.35
O09 YU3 D . -0.27 -3.39 13.10
O15 YU3 D . 1.36 4.66 9.66
O15 YU3 D . 1.24 4.83 9.40
O16 YU3 D . 1.20 3.01 8.14
O16 YU3 D . 1.14 3.12 8.03
O25 YU3 D . -1.81 11.60 11.20
O25 YU3 D . -1.82 11.61 10.93
O26 YU3 D . -0.53 9.85 12.33
O26 YU3 D . -0.65 10.21 12.33
S23 YU3 D . -1.32 10.24 11.17
S23 YU3 D . -1.36 10.23 11.05
H013 YU3 D . -2.38 -2.07 10.12
H013 YU3 D . -0.94 -3.19 10.30
H012 YU3 D . -2.03 -2.66 11.75
H012 YU3 D . -2.33 -2.10 10.16
H011 YU3 D . -1.03 -3.19 10.39
H011 YU3 D . -1.89 -2.78 11.74
H021 YU3 D . -0.24 -0.85 10.11
H021 YU3 D . -0.15 -0.98 10.10
H041 YU3 D . -0.53 -3.48 12.48
H041 YU3 D . 1.70 0.30 11.22
H051 YU3 D . 1.24 -4.23 14.17
H051 YU3 D . 3.73 0.01 12.76
H061 YU3 D . 3.40 -2.75 14.39
H061 YU3 D . 3.82 -1.96 14.46
H191 YU3 D . -1.78 5.02 13.11
H191 YU3 D . -1.54 5.21 8.82
H201 YU3 D . -2.44 7.40 13.13
H201 YU3 D . -2.23 7.57 8.90
H221 YU3 D . -3.23 9.33 10.05
H221 YU3 D . -3.40 9.30 10.22
H222 YU3 D . -3.42 9.29 11.82
H222 YU3 D . -3.35 9.26 11.99
H243 YU3 D . 0.45 10.80 9.65
H243 YU3 D . 0.31 8.94 9.90
H242 YU3 D . -0.91 10.01 8.83
H242 YU3 D . 0.41 10.66 9.48
H241 YU3 D . 0.23 9.04 9.79
H241 YU3 D . -0.86 9.66 8.77
H291 YU3 D . -1.43 5.19 8.85
H291 YU3 D . -1.72 5.00 13.09
H311 YU3 D . -3.22 3.21 12.92
H311 YU3 D . -3.31 3.15 12.78
H321 YU3 D . -3.81 1.01 13.82
H321 YU3 D . -3.92 0.92 13.65
H331 YU3 D . -2.65 -1.04 13.05
H331 YU3 D . -2.70 -1.10 12.90
H071 YU3 D . 3.47 -0.65 13.01
H071 YU3 D . 1.85 -3.54 14.54
H121 YU3 D . 0.42 0.99 9.74
H121 YU3 D . 0.50 1.02 9.75
#